data_8FHX
#
_entry.id   8FHX
#
_cell.length_a   25.015
_cell.length_b   44.417
_cell.length_c   118.921
_cell.angle_alpha   90.000
_cell.angle_beta   90.000
_cell.angle_gamma   90.000
#
_symmetry.space_group_name_H-M   'P 21 21 21'
#
loop_
_entity.id
_entity.type
_entity.pdbx_description
1 polymer 'Lettuce DNA aptamer'
2 non-polymer 'POTASSIUM ION'
3 non-polymer 'MAGNESIUM ION'
4 non-polymer (5Z)-5-(3,5-difluoro-4-hydroxybenzylidene)-2-methyl-3-(2,2,2-trifluoroethyl)-3,5-dihydro-4H-imidazol-4-one
5 water water
#
_entity_poly.entity_id   1
_entity_poly.type   'polydeoxyribonucleotide'
_entity_poly.pdbx_seq_one_letter_code
;(DC)(DT)(DT)(DA)(DG)(DT)(DA)(DG)(DG)(DG)(DA)(DT)(DG)(DA)(DT)(DG)(DC)(DG)(DG)(DC)
(DA)(DG)(DT)(DG)(DG)(DG)(DC)(DT)(DT)(DC)(DG)(DC)(DA)(DG)(DT)(DT)(DC)(DC)(DT)(DG)
(DC)(DG)(DA)(DG)(DG)(DG)(DG)(DA)(DC)(DT)(DA)(DA)(DG)
;
_entity_poly.pdbx_strand_id   A
#